data_2LK3
#
_entry.id   2LK3
#
_entity_poly.entity_id   1
_entity_poly.type   'polyribonucleotide'
_entity_poly.pdbx_seq_one_letter_code
;GGCUUAGAUCAGAAAUGAUCAGCC
;
_entity_poly.pdbx_strand_id   A
#